data_5EJQ
#
_entry.id   5EJQ
#
_cell.length_a   53.320
_cell.length_b   61.480
_cell.length_c   172.620
_cell.angle_alpha   90.000
_cell.angle_beta   90.000
_cell.angle_gamma   90.000
#
_symmetry.space_group_name_H-M   'P 21 21 21'
#
loop_
_entity.id
_entity.type
_entity.pdbx_description
1 polymer 'Myosin-I heavy chain'
2 non-polymer GLYCINE
3 non-polymer SERINE
4 non-polymer 'GLUTAMIC ACID'
5 water water
#
_entity_poly.entity_id   1
_entity_poly.type   'polypeptide(L)'
_entity_poly.pdbx_seq_one_letter_code
;LPQILNDEEISLYSFYDYANKNFNIEKLKQKDDIFSYQESEIESSLLVHSDAEQTEVAVEIFSKVLHYMNSNPLVSKKDP
ADFYSPVKFILTKGLAIESLRDEIYCQLIKQSTSNPIQDLNIRVWELIHFTCSTFPPTRKLIKYFAAYLKTTIQQSDVSK
SVKDSAQASYFILQRFTLNGARKQVPSVTELESIKENRPIFVRITATDGSLKGLHIDSATTCQESSNDLSQRSRMRVNSK
ENGFTIIESFNGIERDIAPTDKLCDVLSKVENLQATLSSKIQVNFKFVFKKKLFFDNITNNVPTTSINVENEFYYHQLFN
DLFNSNYCKDQDYQISIGSLKLQFESSDYTDEIRAWLPGNGRGKYFTTDIEKNRFDDFINKYKSHKGLSPEDAKKQMVQL
LEKHPLANCSLVVCEHQSESLPYPKNFVLALNVNGINIYDPATSKMLESVKYSNQSQQNLKSDDKSSVSIILENKSTLQA
FTGDVQKLVSLIKEYSLYLRNNALEHHHHHH
;
_entity_poly.pdbx_strand_id   A
#
# COMPACT_ATOMS: atom_id res chain seq x y z
N LEU A 1 -9.29 16.16 -8.81
CA LEU A 1 -10.28 17.10 -9.34
C LEU A 1 -10.25 17.31 -10.89
N PRO A 2 -9.38 16.66 -11.71
CA PRO A 2 -9.46 16.88 -13.17
C PRO A 2 -10.73 16.29 -13.78
N GLN A 3 -11.48 17.12 -14.53
N GLN A 3 -11.46 17.11 -14.54
CA GLN A 3 -12.71 16.68 -15.19
CA GLN A 3 -12.69 16.70 -15.19
C GLN A 3 -12.36 15.89 -16.43
C GLN A 3 -12.35 15.90 -16.44
N ILE A 4 -13.06 14.79 -16.64
CA ILE A 4 -12.88 13.91 -17.79
C ILE A 4 -13.62 14.63 -18.93
N LEU A 5 -14.76 15.19 -18.58
CA LEU A 5 -15.66 15.87 -19.49
C LEU A 5 -16.27 17.09 -18.85
N ASN A 6 -16.24 18.22 -19.56
CA ASN A 6 -16.87 19.46 -19.11
C ASN A 6 -18.37 19.39 -19.38
N ASP A 7 -19.18 20.02 -18.50
CA ASP A 7 -20.65 20.05 -18.62
C ASP A 7 -21.11 20.52 -19.98
N GLU A 8 -20.36 21.49 -20.58
CA GLU A 8 -20.60 22.09 -21.90
C GLU A 8 -20.44 21.05 -23.03
N GLU A 9 -19.68 19.95 -22.78
CA GLU A 9 -19.44 18.88 -23.75
C GLU A 9 -20.45 17.72 -23.69
N ILE A 10 -21.26 17.62 -22.60
CA ILE A 10 -22.23 16.50 -22.46
C ILE A 10 -22.99 16.24 -23.74
N SER A 11 -23.63 17.28 -24.31
CA SER A 11 -24.42 17.21 -25.53
C SER A 11 -23.63 16.73 -26.76
N LEU A 12 -22.30 16.85 -26.73
CA LEU A 12 -21.43 16.45 -27.85
C LEU A 12 -20.98 15.01 -27.77
N TYR A 13 -21.33 14.30 -26.69
CA TYR A 13 -20.92 12.90 -26.56
C TYR A 13 -22.09 11.94 -26.30
N SER A 14 -23.06 11.89 -27.22
CA SER A 14 -24.22 10.99 -27.11
C SER A 14 -23.80 9.55 -27.35
N PHE A 15 -24.17 8.62 -26.43
CA PHE A 15 -23.78 7.22 -26.53
C PHE A 15 -24.24 6.60 -27.83
N TYR A 16 -25.46 6.99 -28.31
CA TYR A 16 -26.05 6.56 -29.58
C TYR A 16 -25.07 6.74 -30.75
N ASP A 17 -24.31 7.86 -30.78
CA ASP A 17 -23.28 8.10 -31.82
C ASP A 17 -22.15 7.09 -31.70
N TYR A 18 -21.66 6.83 -30.46
CA TYR A 18 -20.60 5.83 -30.27
C TYR A 18 -21.11 4.48 -30.71
N ALA A 19 -22.33 4.08 -30.25
CA ALA A 19 -22.94 2.77 -30.51
C ALA A 19 -23.24 2.51 -31.99
N ASN A 20 -23.80 3.52 -32.69
CA ASN A 20 -24.10 3.41 -34.12
C ASN A 20 -22.83 3.15 -34.92
N LYS A 21 -21.71 3.80 -34.54
CA LYS A 21 -20.42 3.65 -35.20
C LYS A 21 -19.68 2.37 -34.86
N ASN A 22 -19.62 1.97 -33.56
CA ASN A 22 -18.78 0.87 -33.08
C ASN A 22 -19.48 -0.48 -32.81
N PHE A 23 -20.80 -0.51 -32.64
CA PHE A 23 -21.47 -1.79 -32.36
C PHE A 23 -21.39 -2.77 -33.52
N ASN A 24 -21.23 -4.05 -33.17
CA ASN A 24 -21.11 -5.24 -34.03
C ASN A 24 -22.53 -5.59 -34.52
N ILE A 25 -23.20 -4.60 -35.14
CA ILE A 25 -24.60 -4.61 -35.61
C ILE A 25 -24.91 -5.79 -36.55
N GLU A 26 -24.02 -6.09 -37.52
CA GLU A 26 -24.21 -7.20 -38.46
C GLU A 26 -24.31 -8.58 -37.77
N LYS A 27 -23.53 -8.79 -36.67
CA LYS A 27 -23.50 -10.08 -35.95
C LYS A 27 -24.55 -10.18 -34.80
N LEU A 28 -25.23 -9.08 -34.47
CA LEU A 28 -26.26 -9.02 -33.44
C LEU A 28 -27.66 -9.00 -34.10
N LYS A 29 -28.19 -10.21 -34.41
CA LYS A 29 -29.50 -10.40 -35.09
C LYS A 29 -30.66 -9.91 -34.22
N GLN A 30 -31.12 -10.79 -33.29
CA GLN A 30 -32.16 -10.69 -32.24
C GLN A 30 -33.25 -9.60 -32.39
N LYS A 31 -34.49 -9.95 -31.96
CA LYS A 31 -35.67 -9.07 -31.97
C LYS A 31 -35.49 -7.83 -31.07
N ASP A 32 -34.95 -8.01 -29.84
CA ASP A 32 -34.68 -6.97 -28.82
C ASP A 32 -33.73 -5.89 -29.34
N ASP A 33 -33.97 -4.62 -28.92
CA ASP A 33 -33.12 -3.50 -29.30
C ASP A 33 -31.73 -3.71 -28.68
N ILE A 34 -30.73 -3.86 -29.55
CA ILE A 34 -29.33 -4.12 -29.17
C ILE A 34 -28.73 -3.05 -28.28
N PHE A 35 -29.20 -1.79 -28.41
CA PHE A 35 -28.73 -0.61 -27.67
C PHE A 35 -29.28 -0.50 -26.23
N SER A 36 -30.30 -1.28 -25.86
CA SER A 36 -30.89 -1.12 -24.53
C SER A 36 -31.15 -2.43 -23.84
N TYR A 37 -31.58 -2.36 -22.58
CA TYR A 37 -31.82 -3.51 -21.73
C TYR A 37 -32.56 -4.66 -22.43
N GLN A 38 -32.05 -5.88 -22.21
CA GLN A 38 -32.70 -7.12 -22.64
C GLN A 38 -32.50 -8.15 -21.54
N GLU A 39 -33.42 -9.12 -21.48
CA GLU A 39 -33.42 -10.17 -20.48
C GLU A 39 -32.62 -11.35 -20.93
N SER A 40 -32.62 -11.59 -22.23
CA SER A 40 -31.96 -12.76 -22.78
C SER A 40 -30.49 -12.47 -23.08
N GLU A 41 -29.74 -13.53 -23.27
CA GLU A 41 -28.33 -13.52 -23.55
C GLU A 41 -28.07 -12.99 -24.94
N ILE A 42 -26.97 -12.24 -25.13
CA ILE A 42 -26.60 -11.74 -26.45
C ILE A 42 -26.01 -12.92 -27.24
N GLU A 43 -26.17 -12.93 -28.58
CA GLU A 43 -25.69 -14.00 -29.45
C GLU A 43 -24.21 -13.78 -29.85
N SER A 44 -23.75 -12.54 -29.79
CA SER A 44 -22.38 -12.18 -30.14
C SER A 44 -21.97 -11.00 -29.26
N SER A 45 -20.71 -10.57 -29.36
CA SER A 45 -20.24 -9.42 -28.60
C SER A 45 -20.89 -8.13 -29.14
N LEU A 46 -21.00 -7.12 -28.26
CA LEU A 46 -21.52 -5.80 -28.62
C LEU A 46 -20.52 -5.08 -29.52
N LEU A 47 -19.21 -5.23 -29.26
CA LEU A 47 -18.15 -4.58 -30.03
C LEU A 47 -17.41 -5.59 -30.91
N VAL A 48 -16.53 -5.12 -31.81
CA VAL A 48 -15.78 -6.01 -32.70
C VAL A 48 -14.43 -6.36 -32.11
N HIS A 49 -14.18 -7.66 -31.90
CA HIS A 49 -12.91 -8.14 -31.37
C HIS A 49 -12.13 -8.89 -32.47
N SER A 50 -10.80 -8.74 -32.54
CA SER A 50 -10.00 -9.46 -33.55
C SER A 50 -9.85 -10.95 -33.21
N ASP A 51 -9.85 -11.30 -31.93
CA ASP A 51 -9.76 -12.70 -31.54
C ASP A 51 -11.18 -13.25 -31.29
N ALA A 52 -11.56 -14.33 -32.01
CA ALA A 52 -12.85 -15.03 -31.89
C ALA A 52 -13.08 -15.57 -30.48
N GLU A 53 -11.99 -15.89 -29.78
CA GLU A 53 -12.04 -16.34 -28.38
C GLU A 53 -12.52 -15.23 -27.44
N GLN A 54 -12.15 -13.96 -27.75
CA GLN A 54 -12.52 -12.80 -26.96
C GLN A 54 -14.01 -12.46 -27.22
N THR A 55 -14.48 -12.68 -28.44
CA THR A 55 -15.88 -12.51 -28.77
C THR A 55 -16.69 -13.45 -27.88
N GLU A 56 -16.21 -14.70 -27.73
CA GLU A 56 -16.84 -15.73 -26.90
C GLU A 56 -16.85 -15.29 -25.42
N VAL A 57 -15.70 -14.81 -24.90
CA VAL A 57 -15.57 -14.29 -23.51
C VAL A 57 -16.57 -13.11 -23.29
N ALA A 58 -16.73 -12.23 -24.28
CA ALA A 58 -17.67 -11.12 -24.20
C ALA A 58 -19.11 -11.64 -24.01
N VAL A 59 -19.50 -12.71 -24.74
CA VAL A 59 -20.84 -13.33 -24.61
C VAL A 59 -21.01 -13.91 -23.20
N GLU A 60 -19.94 -14.53 -22.67
CA GLU A 60 -19.87 -15.10 -21.33
C GLU A 60 -20.01 -13.99 -20.27
N ILE A 61 -19.35 -12.85 -20.48
CA ILE A 61 -19.42 -11.68 -19.59
C ILE A 61 -20.86 -11.21 -19.46
N PHE A 62 -21.59 -11.14 -20.59
CA PHE A 62 -22.99 -10.70 -20.57
C PHE A 62 -23.88 -11.59 -19.65
N SER A 63 -23.68 -12.93 -19.69
CA SER A 63 -24.39 -13.90 -18.85
C SER A 63 -24.13 -13.62 -17.38
N LYS A 64 -22.87 -13.28 -17.01
CA LYS A 64 -22.47 -12.93 -15.64
C LYS A 64 -23.11 -11.61 -15.21
N VAL A 65 -23.28 -10.64 -16.13
CA VAL A 65 -23.94 -9.35 -15.87
C VAL A 65 -25.39 -9.65 -15.48
N LEU A 66 -26.06 -10.53 -16.27
CA LEU A 66 -27.43 -11.03 -16.03
C LEU A 66 -27.50 -11.73 -14.71
N HIS A 67 -26.56 -12.67 -14.46
CA HIS A 67 -26.50 -13.42 -13.21
C HIS A 67 -26.45 -12.45 -12.01
N TYR A 68 -25.51 -11.47 -12.02
CA TYR A 68 -25.46 -10.46 -10.95
C TYR A 68 -26.77 -9.61 -10.87
N MET A 69 -27.25 -9.10 -12.01
CA MET A 69 -28.45 -8.27 -12.09
C MET A 69 -29.65 -8.92 -11.42
N ASN A 70 -29.82 -10.22 -11.66
CA ASN A 70 -30.94 -11.04 -11.22
C ASN A 70 -30.76 -11.70 -9.86
N SER A 71 -29.58 -11.58 -9.23
CA SER A 71 -29.34 -12.23 -7.93
C SER A 71 -30.10 -11.58 -6.77
N ASN A 72 -30.42 -12.37 -5.74
CA ASN A 72 -31.14 -11.85 -4.57
C ASN A 72 -30.19 -10.94 -3.79
N PRO A 73 -30.54 -9.64 -3.60
CA PRO A 73 -29.60 -8.71 -2.92
C PRO A 73 -29.14 -9.12 -1.52
N LEU A 74 -29.99 -9.87 -0.81
CA LEU A 74 -29.74 -10.31 0.57
C LEU A 74 -28.87 -11.61 0.66
N VAL A 75 -28.35 -12.11 -0.48
CA VAL A 75 -27.45 -13.28 -0.56
C VAL A 75 -26.01 -12.80 -0.23
N SER A 76 -25.75 -11.49 -0.39
CA SER A 76 -24.46 -10.82 -0.15
C SER A 76 -23.87 -11.09 1.23
N LYS A 77 -24.71 -11.26 2.26
CA LYS A 77 -24.26 -11.55 3.62
C LYS A 77 -23.99 -13.04 3.86
N LYS A 78 -24.89 -13.91 3.33
CA LYS A 78 -24.88 -15.38 3.45
C LYS A 78 -23.59 -16.02 2.96
N ASP A 79 -23.28 -15.86 1.66
CA ASP A 79 -22.06 -16.38 1.03
C ASP A 79 -21.54 -15.24 0.12
N PRO A 80 -20.76 -14.29 0.69
CA PRO A 80 -20.27 -13.15 -0.12
C PRO A 80 -19.45 -13.56 -1.34
N ALA A 81 -18.59 -14.62 -1.20
CA ALA A 81 -17.77 -15.12 -2.29
C ALA A 81 -18.62 -15.57 -3.46
N ASP A 82 -19.77 -16.20 -3.19
CA ASP A 82 -20.72 -16.64 -4.21
C ASP A 82 -21.46 -15.46 -4.87
N PHE A 83 -21.88 -14.47 -4.07
CA PHE A 83 -22.56 -13.27 -4.53
C PHE A 83 -21.68 -12.44 -5.49
N TYR A 84 -20.40 -12.31 -5.17
CA TYR A 84 -19.42 -11.54 -5.94
C TYR A 84 -18.70 -12.36 -7.02
N SER A 85 -18.95 -13.67 -7.08
CA SER A 85 -18.35 -14.57 -8.11
C SER A 85 -18.57 -14.02 -9.55
N PRO A 86 -19.80 -13.64 -10.01
CA PRO A 86 -19.91 -13.09 -11.38
C PRO A 86 -19.16 -11.76 -11.57
N VAL A 87 -19.08 -10.92 -10.51
CA VAL A 87 -18.37 -9.64 -10.51
C VAL A 87 -16.87 -9.87 -10.75
N LYS A 88 -16.26 -10.74 -9.95
CA LYS A 88 -14.83 -11.07 -10.05
C LYS A 88 -14.46 -11.69 -11.38
N PHE A 89 -15.37 -12.48 -12.00
CA PHE A 89 -15.12 -13.05 -13.33
C PHE A 89 -14.98 -11.91 -14.33
N ILE A 90 -15.91 -10.93 -14.27
CA ILE A 90 -15.94 -9.78 -15.18
C ILE A 90 -14.70 -8.91 -15.01
N LEU A 91 -14.42 -8.53 -13.75
CA LEU A 91 -13.31 -7.64 -13.42
C LEU A 91 -11.97 -8.26 -13.74
N THR A 92 -11.79 -9.59 -13.53
CA THR A 92 -10.57 -10.35 -13.86
C THR A 92 -10.30 -10.26 -15.36
N LYS A 93 -11.32 -10.50 -16.19
CA LYS A 93 -11.18 -10.45 -17.65
C LYS A 93 -10.81 -9.05 -18.15
N GLY A 94 -11.54 -8.03 -17.67
CA GLY A 94 -11.31 -6.64 -18.04
C GLY A 94 -9.95 -6.10 -17.61
N LEU A 95 -9.54 -6.41 -16.38
CA LEU A 95 -8.24 -5.92 -15.90
C LEU A 95 -7.08 -6.52 -16.70
N ALA A 96 -7.14 -7.82 -17.01
CA ALA A 96 -6.10 -8.52 -17.75
C ALA A 96 -6.02 -8.15 -19.23
N ILE A 97 -7.19 -7.90 -19.88
CA ILE A 97 -7.25 -7.63 -21.31
C ILE A 97 -7.84 -6.24 -21.57
N GLU A 98 -6.97 -5.25 -21.86
CA GLU A 98 -7.37 -3.87 -22.18
C GLU A 98 -8.38 -3.77 -23.32
N SER A 99 -8.23 -4.62 -24.36
CA SER A 99 -9.10 -4.61 -25.56
C SER A 99 -10.52 -5.09 -25.26
N LEU A 100 -10.75 -5.65 -24.06
CA LEU A 100 -12.04 -6.15 -23.63
C LEU A 100 -12.80 -5.15 -22.69
N ARG A 101 -12.14 -4.07 -22.27
CA ARG A 101 -12.68 -3.07 -21.33
C ARG A 101 -13.85 -2.28 -21.87
N ASP A 102 -13.76 -1.77 -23.11
CA ASP A 102 -14.88 -1.02 -23.67
C ASP A 102 -16.12 -1.89 -23.84
N GLU A 103 -15.95 -3.18 -24.19
CA GLU A 103 -17.03 -4.16 -24.33
C GLU A 103 -17.82 -4.23 -23.02
N ILE A 104 -17.11 -4.35 -21.88
CA ILE A 104 -17.67 -4.45 -20.54
C ILE A 104 -18.53 -3.22 -20.24
N TYR A 105 -17.97 -2.02 -20.43
CA TYR A 105 -18.70 -0.77 -20.25
C TYR A 105 -19.94 -0.67 -21.13
N CYS A 106 -19.83 -1.04 -22.43
CA CYS A 106 -20.99 -0.98 -23.33
C CYS A 106 -22.14 -1.89 -22.90
N GLN A 107 -21.82 -3.08 -22.36
CA GLN A 107 -22.80 -4.03 -21.86
C GLN A 107 -23.54 -3.45 -20.67
N LEU A 108 -22.82 -2.71 -19.82
CA LEU A 108 -23.39 -2.06 -18.64
C LEU A 108 -24.19 -0.81 -19.01
N ILE A 109 -23.73 -0.03 -20.03
CA ILE A 109 -24.51 1.14 -20.46
C ILE A 109 -25.84 0.61 -21.05
N LYS A 110 -25.75 -0.45 -21.88
CA LYS A 110 -26.90 -1.09 -22.53
C LYS A 110 -27.94 -1.58 -21.51
N GLN A 111 -27.49 -2.30 -20.45
CA GLN A 111 -28.37 -2.92 -19.44
C GLN A 111 -28.99 -1.89 -18.48
N SER A 112 -28.39 -0.68 -18.42
CA SER A 112 -28.93 0.44 -17.63
C SER A 112 -29.73 1.42 -18.53
N THR A 113 -29.93 1.06 -19.79
CA THR A 113 -30.72 1.86 -20.74
C THR A 113 -32.10 1.24 -20.88
N SER A 114 -33.14 2.02 -20.55
CA SER A 114 -34.55 1.56 -20.62
C SER A 114 -34.76 0.26 -19.81
N ASN A 115 -34.16 0.21 -18.60
CA ASN A 115 -34.31 -0.94 -17.72
C ASN A 115 -35.70 -0.74 -17.07
N PRO A 116 -36.64 -1.71 -17.19
CA PRO A 116 -38.00 -1.49 -16.64
C PRO A 116 -38.15 -1.67 -15.15
N ILE A 117 -37.10 -2.14 -14.45
CA ILE A 117 -37.20 -2.35 -13.01
C ILE A 117 -36.10 -1.59 -12.32
N GLN A 118 -36.48 -0.71 -11.36
CA GLN A 118 -35.50 0.09 -10.58
C GLN A 118 -34.51 -0.78 -9.83
N ASP A 119 -34.97 -1.92 -9.27
CA ASP A 119 -34.10 -2.86 -8.54
C ASP A 119 -33.01 -3.47 -9.43
N LEU A 120 -33.37 -3.78 -10.69
CA LEU A 120 -32.40 -4.32 -11.65
C LEU A 120 -31.45 -3.20 -12.09
N ASN A 121 -31.98 -1.97 -12.31
CA ASN A 121 -31.17 -0.82 -12.72
C ASN A 121 -30.15 -0.46 -11.62
N ILE A 122 -30.52 -0.64 -10.36
CA ILE A 122 -29.66 -0.43 -9.19
C ILE A 122 -28.47 -1.38 -9.23
N ARG A 123 -28.68 -2.67 -9.61
CA ARG A 123 -27.65 -3.69 -9.73
C ARG A 123 -26.66 -3.37 -10.84
N VAL A 124 -27.14 -2.91 -12.01
CA VAL A 124 -26.26 -2.54 -13.14
C VAL A 124 -25.33 -1.41 -12.70
N TRP A 125 -25.86 -0.45 -11.94
CA TRP A 125 -25.10 0.71 -11.48
C TRP A 125 -24.07 0.32 -10.44
N GLU A 126 -24.32 -0.75 -9.66
CA GLU A 126 -23.37 -1.33 -8.73
C GLU A 126 -22.20 -1.93 -9.55
N LEU A 127 -22.54 -2.67 -10.61
CA LEU A 127 -21.60 -3.24 -11.57
C LEU A 127 -20.77 -2.14 -12.25
N ILE A 128 -21.40 -1.02 -12.66
CA ILE A 128 -20.66 0.10 -13.28
C ILE A 128 -19.66 0.65 -12.26
N HIS A 129 -20.10 0.81 -11.02
CA HIS A 129 -19.27 1.32 -9.95
C HIS A 129 -18.10 0.35 -9.64
N PHE A 130 -18.33 -0.98 -9.65
CA PHE A 130 -17.24 -1.96 -9.45
C PHE A 130 -16.21 -1.86 -10.58
N THR A 131 -16.69 -1.71 -11.81
CA THR A 131 -15.87 -1.60 -13.03
C THR A 131 -14.99 -0.35 -12.98
N CYS A 132 -15.61 0.84 -12.69
CA CYS A 132 -14.90 2.12 -12.55
C CYS A 132 -13.80 2.06 -11.50
N SER A 133 -14.02 1.27 -10.44
CA SER A 133 -13.07 1.11 -9.34
C SER A 133 -11.92 0.14 -9.72
N THR A 134 -11.99 -0.48 -10.90
CA THR A 134 -11.01 -1.49 -11.34
C THR A 134 -10.17 -1.04 -12.52
N PHE A 135 -10.81 -0.56 -13.60
CA PHE A 135 -10.10 -0.11 -14.81
C PHE A 135 -10.98 0.91 -15.49
N PRO A 136 -10.39 1.88 -16.20
CA PRO A 136 -11.24 2.83 -16.90
C PRO A 136 -11.62 2.32 -18.31
N PRO A 137 -12.58 2.98 -18.99
CA PRO A 137 -12.77 2.67 -20.43
C PRO A 137 -11.51 3.19 -21.16
N THR A 138 -11.25 2.73 -22.41
CA THR A 138 -10.11 3.28 -23.18
C THR A 138 -10.43 4.74 -23.59
N ARG A 139 -9.43 5.46 -24.13
CA ARG A 139 -9.58 6.87 -24.54
C ARG A 139 -10.67 7.08 -25.61
N LYS A 140 -10.97 6.04 -26.39
CA LYS A 140 -12.00 6.11 -27.43
C LYS A 140 -13.44 6.06 -26.85
N LEU A 141 -13.63 5.52 -25.65
CA LEU A 141 -14.98 5.51 -25.07
C LEU A 141 -15.15 6.42 -23.83
N ILE A 142 -14.07 6.65 -23.04
CA ILE A 142 -14.11 7.36 -21.75
C ILE A 142 -14.98 8.66 -21.75
N LYS A 143 -14.99 9.48 -22.83
CA LYS A 143 -15.79 10.72 -22.81
C LYS A 143 -17.27 10.44 -23.08
N TYR A 144 -17.59 9.39 -23.86
CA TYR A 144 -18.98 9.00 -24.07
C TYR A 144 -19.53 8.41 -22.79
N PHE A 145 -18.73 7.60 -22.07
CA PHE A 145 -19.09 7.03 -20.78
C PHE A 145 -19.23 8.12 -19.71
N ALA A 146 -18.29 9.10 -19.69
CA ALA A 146 -18.37 10.21 -18.73
C ALA A 146 -19.64 11.04 -18.98
N ALA A 147 -20.05 11.24 -20.27
CA ALA A 147 -21.31 11.96 -20.60
C ALA A 147 -22.52 11.19 -20.10
N TYR A 148 -22.51 9.83 -20.25
CA TYR A 148 -23.57 8.94 -19.78
C TYR A 148 -23.74 9.09 -18.25
N LEU A 149 -22.62 9.13 -17.51
CA LEU A 149 -22.62 9.31 -16.06
C LEU A 149 -23.25 10.64 -15.70
N LYS A 150 -22.75 11.74 -16.32
CA LYS A 150 -23.22 13.10 -16.02
C LYS A 150 -24.69 13.31 -16.33
N THR A 151 -25.18 12.71 -17.43
CA THR A 151 -26.60 12.70 -17.82
C THR A 151 -27.41 11.98 -16.75
N THR A 152 -26.94 10.80 -16.32
CA THR A 152 -27.60 10.03 -15.27
C THR A 152 -27.70 10.85 -13.97
N ILE A 153 -26.57 11.47 -13.55
CA ILE A 153 -26.45 12.30 -12.34
C ILE A 153 -27.40 13.53 -12.42
N GLN A 154 -27.23 14.37 -13.45
CA GLN A 154 -27.90 15.67 -13.60
C GLN A 154 -29.31 15.63 -14.18
N GLN A 155 -29.58 14.72 -15.13
CA GLN A 155 -30.86 14.72 -15.83
C GLN A 155 -31.77 13.53 -15.54
N SER A 156 -31.39 12.31 -16.00
CA SER A 156 -32.15 11.06 -15.95
C SER A 156 -33.05 10.91 -14.75
N ASP A 157 -34.29 10.47 -15.02
CA ASP A 157 -35.32 10.21 -14.04
C ASP A 157 -34.99 8.83 -13.41
N VAL A 158 -34.00 8.81 -12.50
CA VAL A 158 -33.53 7.57 -11.87
C VAL A 158 -33.55 7.69 -10.34
N SER A 159 -33.44 6.55 -9.67
CA SER A 159 -33.43 6.45 -8.21
C SER A 159 -32.25 7.20 -7.60
N LYS A 160 -32.36 7.53 -6.31
CA LYS A 160 -31.29 8.18 -5.54
C LYS A 160 -30.09 7.22 -5.50
N SER A 161 -30.35 5.90 -5.39
CA SER A 161 -29.31 4.87 -5.34
C SER A 161 -28.46 4.92 -6.63
N VAL A 162 -29.11 5.10 -7.80
CA VAL A 162 -28.44 5.19 -9.10
C VAL A 162 -27.63 6.49 -9.20
N LYS A 163 -28.23 7.62 -8.81
CA LYS A 163 -27.53 8.91 -8.81
C LYS A 163 -26.28 8.83 -7.92
N ASP A 164 -26.40 8.22 -6.71
CA ASP A 164 -25.27 8.05 -5.79
C ASP A 164 -24.16 7.18 -6.39
N SER A 165 -24.53 6.06 -7.05
CA SER A 165 -23.59 5.13 -7.72
C SER A 165 -22.91 5.81 -8.89
N ALA A 166 -23.70 6.53 -9.71
CA ALA A 166 -23.20 7.30 -10.86
C ALA A 166 -22.22 8.39 -10.40
N GLN A 167 -22.53 9.10 -9.30
CA GLN A 167 -21.65 10.15 -8.73
C GLN A 167 -20.34 9.55 -8.21
N ALA A 168 -20.44 8.45 -7.44
CA ALA A 168 -19.25 7.76 -6.89
C ALA A 168 -18.40 7.12 -7.99
N SER A 169 -19.05 6.67 -9.11
CA SER A 169 -18.36 6.10 -10.28
C SER A 169 -17.56 7.20 -11.00
N TYR A 170 -18.17 8.39 -11.20
CA TYR A 170 -17.48 9.52 -11.85
C TYR A 170 -16.26 9.96 -11.00
N PHE A 171 -16.46 10.08 -9.67
CA PHE A 171 -15.41 10.44 -8.73
C PHE A 171 -14.23 9.47 -8.76
N ILE A 172 -14.48 8.15 -8.78
CA ILE A 172 -13.40 7.16 -8.76
C ILE A 172 -12.65 7.13 -10.09
N LEU A 173 -13.34 7.44 -11.22
CA LEU A 173 -12.70 7.52 -12.54
C LEU A 173 -11.71 8.67 -12.53
N GLN A 174 -12.10 9.81 -11.92
CA GLN A 174 -11.25 11.01 -11.78
C GLN A 174 -10.04 10.68 -10.90
N ARG A 175 -10.29 10.00 -9.78
CA ARG A 175 -9.29 9.57 -8.81
C ARG A 175 -8.25 8.67 -9.48
N PHE A 176 -8.68 7.71 -10.33
CA PHE A 176 -7.76 6.83 -11.05
C PHE A 176 -7.00 7.53 -12.14
N THR A 177 -7.62 8.51 -12.81
CA THR A 177 -6.95 9.32 -13.84
C THR A 177 -5.71 9.97 -13.19
N LEU A 178 -5.88 10.54 -11.99
CA LEU A 178 -4.82 11.18 -11.23
C LEU A 178 -3.79 10.16 -10.67
N ASN A 179 -4.25 9.04 -10.08
CA ASN A 179 -3.39 8.08 -9.37
C ASN A 179 -2.85 6.91 -10.17
N GLY A 180 -3.26 6.76 -11.42
CA GLY A 180 -2.76 5.68 -12.27
C GLY A 180 -3.45 4.36 -12.06
N ALA A 181 -3.09 3.38 -12.87
CA ALA A 181 -3.66 2.03 -12.88
C ALA A 181 -3.43 1.23 -11.61
N ARG A 182 -4.32 0.26 -11.38
CA ARG A 182 -4.24 -0.69 -10.28
C ARG A 182 -3.83 -2.03 -10.87
N LYS A 183 -3.38 -2.96 -10.04
CA LYS A 183 -2.81 -4.23 -10.48
C LYS A 183 -3.67 -5.42 -10.11
N GLN A 184 -4.60 -5.24 -9.18
CA GLN A 184 -5.40 -6.33 -8.65
C GLN A 184 -6.89 -6.05 -8.78
N VAL A 185 -7.67 -7.15 -8.85
CA VAL A 185 -9.12 -7.11 -8.86
C VAL A 185 -9.55 -6.85 -7.39
N PRO A 186 -10.52 -5.93 -7.14
CA PRO A 186 -10.96 -5.68 -5.76
C PRO A 186 -11.32 -6.94 -4.96
N SER A 187 -10.99 -6.94 -3.64
CA SER A 187 -11.38 -8.03 -2.72
C SER A 187 -12.87 -7.92 -2.43
N VAL A 188 -13.46 -8.97 -1.83
CA VAL A 188 -14.87 -8.97 -1.40
C VAL A 188 -15.14 -7.76 -0.47
N THR A 189 -14.26 -7.52 0.54
CA THR A 189 -14.42 -6.40 1.48
C THR A 189 -14.48 -5.06 0.76
N GLU A 190 -13.60 -4.84 -0.22
CA GLU A 190 -13.57 -3.62 -0.99
C GLU A 190 -14.89 -3.52 -1.81
N LEU A 191 -15.32 -4.63 -2.47
CA LEU A 191 -16.55 -4.68 -3.27
C LEU A 191 -17.77 -4.32 -2.45
N GLU A 192 -17.83 -4.80 -1.18
CA GLU A 192 -18.92 -4.51 -0.22
C GLU A 192 -19.02 -3.01 0.03
N SER A 193 -17.87 -2.32 0.18
CA SER A 193 -17.78 -0.87 0.37
C SER A 193 -18.21 -0.12 -0.89
N ILE A 194 -17.68 -0.55 -2.05
CA ILE A 194 -18.03 0.07 -3.33
C ILE A 194 -19.54 0.00 -3.57
N LYS A 195 -20.14 -1.20 -3.38
CA LYS A 195 -21.57 -1.45 -3.59
C LYS A 195 -22.43 -0.41 -2.85
N GLU A 196 -22.10 -0.14 -1.58
CA GLU A 196 -22.83 0.80 -0.70
C GLU A 196 -22.35 2.25 -0.77
N ASN A 197 -21.44 2.60 -1.71
CA ASN A 197 -20.90 3.96 -1.88
C ASN A 197 -20.23 4.47 -0.61
N ARG A 198 -19.43 3.60 0.02
CA ARG A 198 -18.78 3.96 1.28
C ARG A 198 -17.25 3.68 1.25
N PRO A 199 -16.44 4.26 2.17
CA PRO A 199 -14.99 4.02 2.12
C PRO A 199 -14.61 2.63 2.58
N ILE A 200 -13.34 2.28 2.38
CA ILE A 200 -12.76 1.01 2.80
C ILE A 200 -12.04 1.29 4.11
N PHE A 201 -12.29 0.47 5.13
CA PHE A 201 -11.60 0.66 6.40
C PHE A 201 -10.28 -0.13 6.37
N VAL A 202 -9.18 0.52 6.74
CA VAL A 202 -7.88 -0.14 6.92
C VAL A 202 -7.31 0.26 8.29
N ARG A 203 -6.61 -0.66 8.94
N ARG A 203 -6.62 -0.66 8.96
CA ARG A 203 -5.99 -0.45 10.24
CA ARG A 203 -6.00 -0.37 10.24
C ARG A 203 -4.47 -0.36 10.03
C ARG A 203 -4.49 -0.33 10.03
N ILE A 204 -3.87 0.75 10.50
CA ILE A 204 -2.41 0.96 10.37
C ILE A 204 -1.81 0.92 11.76
N THR A 205 -0.75 0.13 11.91
CA THR A 205 -0.02 0.03 13.18
C THR A 205 1.14 1.03 13.15
N ALA A 206 1.27 1.85 14.22
CA ALA A 206 2.38 2.80 14.35
C ALA A 206 3.57 2.03 14.98
N THR A 207 4.78 2.63 15.01
CA THR A 207 5.97 1.96 15.56
C THR A 207 5.86 1.75 17.09
N ASP A 208 5.05 2.58 17.80
CA ASP A 208 4.81 2.45 19.24
C ASP A 208 3.75 1.37 19.54
N GLY A 209 3.29 0.65 18.50
CA GLY A 209 2.31 -0.43 18.63
C GLY A 209 0.85 0.00 18.61
N SER A 210 0.59 1.32 18.63
CA SER A 210 -0.77 1.84 18.61
C SER A 210 -1.44 1.69 17.22
N LEU A 211 -2.77 1.72 17.17
CA LEU A 211 -3.54 1.51 15.94
C LEU A 211 -4.33 2.72 15.53
N LYS A 212 -4.27 3.01 14.23
CA LYS A 212 -4.96 4.12 13.58
C LYS A 212 -5.90 3.51 12.56
N GLY A 213 -7.18 3.87 12.64
CA GLY A 213 -8.22 3.44 11.72
C GLY A 213 -8.36 4.47 10.62
N LEU A 214 -8.30 4.01 9.38
CA LEU A 214 -8.32 4.89 8.22
C LEU A 214 -9.32 4.49 7.18
N HIS A 215 -10.00 5.50 6.61
CA HIS A 215 -10.92 5.38 5.50
C HIS A 215 -10.18 5.74 4.25
N ILE A 216 -10.20 4.83 3.26
CA ILE A 216 -9.58 5.01 1.95
C ILE A 216 -10.61 4.67 0.87
N ASP A 217 -10.27 4.95 -0.39
CA ASP A 217 -11.09 4.49 -1.52
C ASP A 217 -10.22 3.56 -2.38
N SER A 218 -10.79 2.98 -3.46
CA SER A 218 -10.11 2.07 -4.40
C SER A 218 -8.81 2.63 -4.97
N ALA A 219 -8.77 3.96 -5.27
CA ALA A 219 -7.60 4.64 -5.85
C ALA A 219 -6.55 5.11 -4.85
N THR A 220 -6.81 5.00 -3.52
CA THR A 220 -5.85 5.49 -2.50
C THR A 220 -4.44 4.84 -2.61
N THR A 221 -3.42 5.67 -2.84
CA THR A 221 -2.03 5.21 -2.94
C THR A 221 -1.37 5.21 -1.55
N CYS A 222 -0.20 4.52 -1.43
CA CYS A 222 0.63 4.52 -0.23
C CYS A 222 1.05 5.98 0.14
N GLN A 223 1.44 6.78 -0.87
CA GLN A 223 1.85 8.18 -0.71
C GLN A 223 0.74 9.04 -0.09
N GLU A 224 -0.51 8.94 -0.63
CA GLU A 224 -1.68 9.67 -0.10
C GLU A 224 -1.94 9.33 1.35
N SER A 225 -1.95 8.04 1.67
CA SER A 225 -2.18 7.53 3.01
C SER A 225 -1.06 7.90 3.98
N SER A 226 0.18 7.89 3.49
CA SER A 226 1.35 8.26 4.29
C SER A 226 1.26 9.74 4.63
N ASN A 227 0.81 10.60 3.66
CA ASN A 227 0.59 12.05 3.88
C ASN A 227 -0.54 12.27 4.87
N ASP A 228 -1.67 11.50 4.75
CA ASP A 228 -2.80 11.60 5.68
C ASP A 228 -2.42 11.21 7.08
N LEU A 229 -1.70 10.08 7.25
CA LEU A 229 -1.25 9.66 8.58
C LEU A 229 -0.28 10.67 9.20
N SER A 230 0.63 11.22 8.38
CA SER A 230 1.62 12.23 8.77
C SER A 230 0.88 13.46 9.34
N GLN A 231 -0.07 14.00 8.56
CA GLN A 231 -0.87 15.16 8.91
C GLN A 231 -1.66 14.91 10.20
N ARG A 232 -2.31 13.73 10.31
CA ARG A 232 -3.11 13.36 11.48
C ARG A 232 -2.30 13.15 12.72
N SER A 233 -1.09 12.60 12.56
CA SER A 233 -0.17 12.31 13.66
C SER A 233 0.56 13.55 14.17
N ARG A 234 0.33 14.72 13.56
CA ARG A 234 0.95 15.99 13.96
C ARG A 234 2.45 16.04 13.61
N MET A 235 2.84 15.28 12.59
CA MET A 235 4.21 15.27 12.08
C MET A 235 4.23 16.32 10.97
N ARG A 236 5.37 16.50 10.26
CA ARG A 236 5.39 17.35 9.06
C ARG A 236 4.40 16.67 8.10
N VAL A 237 3.56 17.47 7.47
CA VAL A 237 2.43 17.00 6.65
C VAL A 237 2.85 16.20 5.39
N ASN A 238 4.04 16.45 4.84
CA ASN A 238 4.52 15.81 3.63
C ASN A 238 5.43 14.60 3.91
N SER A 239 4.95 13.38 3.61
CA SER A 239 5.78 12.16 3.80
C SER A 239 7.09 12.18 2.97
N LYS A 240 7.18 12.98 1.90
CA LYS A 240 8.43 13.12 1.11
C LYS A 240 9.50 13.82 1.94
N GLU A 241 9.07 14.69 2.87
CA GLU A 241 9.96 15.40 3.78
C GLU A 241 10.25 14.60 5.03
N ASN A 242 9.21 14.06 5.68
CA ASN A 242 9.42 13.33 6.94
C ASN A 242 10.00 11.91 6.74
N GLY A 243 9.95 11.38 5.52
CA GLY A 243 10.50 10.07 5.19
C GLY A 243 9.68 8.86 5.61
N PHE A 244 8.45 9.07 6.10
CA PHE A 244 7.64 7.90 6.51
C PHE A 244 6.88 7.34 5.33
N THR A 245 6.56 6.03 5.37
CA THR A 245 5.73 5.33 4.38
C THR A 245 4.94 4.25 5.11
N ILE A 246 3.98 3.65 4.42
CA ILE A 246 3.24 2.53 4.96
C ILE A 246 3.81 1.29 4.29
N ILE A 247 4.14 0.29 5.09
CA ILE A 247 4.66 -0.96 4.61
C ILE A 247 3.61 -2.04 4.89
N GLU A 248 3.78 -3.19 4.26
CA GLU A 248 2.96 -4.38 4.36
C GLU A 248 3.70 -5.38 5.26
N SER A 249 3.02 -5.96 6.22
CA SER A 249 3.63 -6.93 7.13
C SER A 249 2.84 -8.23 7.15
N PHE A 250 3.50 -9.37 6.90
CA PHE A 250 2.82 -10.67 6.95
C PHE A 250 3.63 -11.61 7.82
N ASN A 251 3.07 -12.00 8.98
CA ASN A 251 3.73 -12.88 9.97
C ASN A 251 5.10 -12.34 10.40
N GLY A 252 5.18 -11.01 10.52
CA GLY A 252 6.40 -10.30 10.92
C GLY A 252 7.33 -9.96 9.76
N ILE A 253 7.05 -10.44 8.56
CA ILE A 253 7.87 -10.16 7.38
C ILE A 253 7.38 -8.88 6.74
N GLU A 254 8.25 -7.91 6.59
CA GLU A 254 7.88 -6.61 6.03
C GLU A 254 8.29 -6.43 4.59
N ARG A 255 7.39 -5.84 3.79
CA ARG A 255 7.63 -5.54 2.38
C ARG A 255 7.24 -4.10 2.09
N ASP A 256 8.07 -3.42 1.31
CA ASP A 256 7.87 -2.04 0.87
C ASP A 256 6.66 -1.94 -0.05
N ILE A 257 5.92 -0.84 0.08
CA ILE A 257 4.80 -0.52 -0.79
C ILE A 257 5.27 0.74 -1.50
N ALA A 258 5.36 0.70 -2.83
CA ALA A 258 5.77 1.82 -3.68
C ALA A 258 4.82 3.06 -3.50
N PRO A 259 5.30 4.32 -3.72
CA PRO A 259 4.42 5.50 -3.49
C PRO A 259 3.12 5.53 -4.29
N THR A 260 3.11 4.98 -5.51
CA THR A 260 1.94 4.97 -6.39
C THR A 260 1.13 3.68 -6.29
N ASP A 261 1.58 2.71 -5.48
CA ASP A 261 0.85 1.46 -5.29
C ASP A 261 -0.41 1.73 -4.50
N LYS A 262 -1.50 1.00 -4.83
CA LYS A 262 -2.79 1.14 -4.17
C LYS A 262 -2.90 0.22 -2.99
N LEU A 263 -3.25 0.80 -1.83
CA LEU A 263 -3.45 0.03 -0.61
C LEU A 263 -4.52 -1.05 -0.78
N CYS A 264 -5.53 -0.80 -1.61
CA CYS A 264 -6.56 -1.82 -1.91
C CYS A 264 -6.01 -3.01 -2.68
N ASP A 265 -4.93 -2.82 -3.46
CA ASP A 265 -4.24 -3.89 -4.19
C ASP A 265 -3.55 -4.83 -3.19
N VAL A 266 -2.95 -4.27 -2.09
CA VAL A 266 -2.35 -5.06 -1.01
C VAL A 266 -3.50 -5.89 -0.36
N LEU A 267 -4.69 -5.29 -0.15
CA LEU A 267 -5.83 -6.03 0.43
C LEU A 267 -6.26 -7.24 -0.42
N SER A 268 -6.29 -7.10 -1.77
CA SER A 268 -6.67 -8.23 -2.63
C SER A 268 -5.61 -9.35 -2.50
N LYS A 269 -4.31 -8.98 -2.49
CA LYS A 269 -3.19 -9.91 -2.33
C LYS A 269 -3.30 -10.67 -1.02
N VAL A 270 -3.69 -9.97 0.07
CA VAL A 270 -3.90 -10.50 1.41
C VAL A 270 -5.04 -11.49 1.39
N GLU A 271 -6.21 -11.06 0.85
CA GLU A 271 -7.43 -11.85 0.70
C GLU A 271 -7.11 -13.21 0.04
N ASN A 272 -6.32 -13.19 -1.06
CA ASN A 272 -5.92 -14.40 -1.76
C ASN A 272 -5.07 -15.28 -0.84
N LEU A 273 -3.96 -14.72 -0.31
CA LEU A 273 -2.99 -15.36 0.58
C LEU A 273 -3.59 -15.99 1.86
N GLN A 274 -4.57 -15.32 2.49
CA GLN A 274 -5.26 -15.79 3.70
C GLN A 274 -6.21 -16.96 3.37
N ALA A 275 -6.72 -17.01 2.12
CA ALA A 275 -7.61 -18.07 1.62
C ALA A 275 -6.83 -19.29 1.11
N THR A 276 -5.73 -19.06 0.33
CA THR A 276 -4.85 -20.12 -0.21
C THR A 276 -4.23 -20.95 0.91
N LEU A 277 -4.22 -20.37 2.13
CA LEU A 277 -3.72 -20.98 3.37
C LEU A 277 -4.54 -22.21 3.73
N SER A 278 -5.89 -22.06 3.85
CA SER A 278 -6.87 -23.07 4.23
C SER A 278 -6.46 -23.83 5.53
N SER A 279 -6.03 -23.04 6.55
CA SER A 279 -5.57 -23.43 7.89
C SER A 279 -4.38 -24.42 7.88
N LYS A 280 -3.16 -23.88 7.94
CA LYS A 280 -1.89 -24.60 8.01
C LYS A 280 -0.88 -23.80 8.85
N ILE A 281 -0.93 -22.47 8.71
CA ILE A 281 -0.12 -21.49 9.46
C ILE A 281 -0.99 -20.31 9.90
N GLN A 282 -0.40 -19.39 10.69
CA GLN A 282 -1.05 -18.16 11.14
C GLN A 282 -1.06 -17.20 9.94
N VAL A 283 -2.04 -16.28 9.91
CA VAL A 283 -2.13 -15.32 8.81
C VAL A 283 -2.21 -13.90 9.38
N ASN A 284 -1.12 -13.46 10.03
CA ASN A 284 -1.09 -12.14 10.66
C ASN A 284 -0.61 -11.07 9.70
N PHE A 285 -1.56 -10.34 9.15
CA PHE A 285 -1.31 -9.23 8.23
C PHE A 285 -1.48 -7.92 8.96
N LYS A 286 -0.64 -6.94 8.63
CA LYS A 286 -0.68 -5.58 9.18
C LYS A 286 -0.15 -4.60 8.15
N PHE A 287 -0.68 -3.39 8.15
CA PHE A 287 -0.08 -2.23 7.50
C PHE A 287 0.67 -1.60 8.67
N VAL A 288 1.92 -1.14 8.43
CA VAL A 288 2.73 -0.50 9.47
C VAL A 288 3.22 0.86 8.95
N PHE A 289 3.13 1.89 9.77
CA PHE A 289 3.57 3.23 9.36
C PHE A 289 4.93 3.43 10.01
N LYS A 290 6.00 3.45 9.19
N LYS A 290 5.99 3.49 9.19
CA LYS A 290 7.39 3.53 9.66
CA LYS A 290 7.34 3.62 9.74
C LYS A 290 8.21 4.55 8.89
C LYS A 290 8.23 4.52 8.88
N LYS A 291 9.35 4.96 9.47
CA LYS A 291 10.29 5.88 8.85
C LYS A 291 11.17 5.08 7.88
N LYS A 292 11.13 5.46 6.62
CA LYS A 292 11.86 4.78 5.55
C LYS A 292 13.10 5.58 5.16
N LEU A 293 12.96 6.90 4.97
CA LEU A 293 14.00 7.78 4.50
C LEU A 293 14.52 8.76 5.54
N PHE A 294 15.84 8.92 5.58
CA PHE A 294 16.53 9.76 6.56
C PHE A 294 17.26 10.93 5.91
N PHE A 295 16.53 11.99 5.61
CA PHE A 295 17.07 13.18 4.97
C PHE A 295 17.43 14.21 6.03
N ASP A 296 18.60 14.85 5.90
CA ASP A 296 19.01 15.90 6.82
C ASP A 296 18.46 17.23 6.31
N ASN A 297 17.11 17.31 6.24
CA ASN A 297 16.31 18.42 5.70
C ASN A 297 15.61 19.26 6.79
N ILE A 298 16.04 19.10 8.05
CA ILE A 298 15.51 19.86 9.19
C ILE A 298 16.22 21.25 9.16
N THR A 299 15.49 22.27 8.66
CA THR A 299 15.94 23.66 8.45
C THR A 299 16.43 24.36 9.71
N ASN A 301 13.27 27.53 9.82
CA ASN A 301 12.01 27.35 10.54
C ASN A 301 11.75 25.89 10.88
N VAL A 302 12.48 25.37 11.89
CA VAL A 302 12.33 23.99 12.38
C VAL A 302 11.05 23.91 13.21
N PRO A 303 9.99 23.19 12.75
CA PRO A 303 8.80 23.07 13.60
C PRO A 303 9.11 21.95 14.60
N THR A 304 9.83 22.29 15.70
CA THR A 304 10.34 21.32 16.69
C THR A 304 9.26 20.38 17.21
N THR A 305 8.02 20.87 17.37
CA THR A 305 6.90 20.05 17.85
C THR A 305 6.67 18.86 16.94
N SER A 306 6.58 19.11 15.63
CA SER A 306 6.38 18.12 14.55
C SER A 306 7.54 17.17 14.50
N ILE A 307 8.77 17.69 14.62
CA ILE A 307 10.03 16.94 14.60
C ILE A 307 10.10 15.96 15.77
N ASN A 308 9.73 16.42 16.97
CA ASN A 308 9.68 15.61 18.18
C ASN A 308 8.71 14.45 18.05
N VAL A 309 7.55 14.66 17.41
CA VAL A 309 6.56 13.60 17.18
C VAL A 309 7.19 12.51 16.26
N GLU A 310 7.82 12.90 15.15
CA GLU A 310 8.50 12.01 14.21
C GLU A 310 9.63 11.21 14.88
N ASN A 311 10.47 11.89 15.67
CA ASN A 311 11.59 11.25 16.39
C ASN A 311 11.11 10.22 17.40
N GLU A 312 10.01 10.53 18.13
CA GLU A 312 9.41 9.60 19.09
C GLU A 312 9.01 8.30 18.39
N PHE A 313 8.38 8.40 17.19
CA PHE A 313 8.07 7.22 16.40
C PHE A 313 9.34 6.51 15.95
N TYR A 314 10.36 7.24 15.52
CA TYR A 314 11.61 6.62 15.10
C TYR A 314 12.34 5.87 16.24
N TYR A 315 12.33 6.41 17.48
CA TYR A 315 13.03 5.76 18.62
C TYR A 315 12.49 4.37 18.90
N HIS A 316 11.15 4.16 18.74
CA HIS A 316 10.51 2.85 18.92
C HIS A 316 10.99 1.89 17.82
N GLN A 317 10.99 2.35 16.56
CA GLN A 317 11.44 1.60 15.37
C GLN A 317 12.91 1.19 15.50
N LEU A 318 13.80 2.15 15.82
CA LEU A 318 15.24 1.87 15.95
C LEU A 318 15.51 0.91 17.11
N PHE A 319 14.88 1.13 18.27
CA PHE A 319 15.05 0.23 19.42
C PHE A 319 14.67 -1.20 18.99
N ASN A 320 13.53 -1.38 18.29
CA ASN A 320 13.06 -2.69 17.80
C ASN A 320 13.98 -3.28 16.74
N ASP A 321 14.55 -2.48 15.86
CA ASP A 321 15.53 -2.97 14.87
C ASP A 321 16.83 -3.46 15.55
N LEU A 322 17.24 -2.77 16.63
CA LEU A 322 18.46 -3.12 17.38
C LEU A 322 18.28 -4.36 18.28
N PHE A 323 17.03 -4.85 18.42
CA PHE A 323 16.64 -6.07 19.15
C PHE A 323 16.43 -7.22 18.15
N ASN A 324 16.69 -6.94 16.88
CA ASN A 324 16.55 -7.90 15.79
C ASN A 324 17.96 -8.33 15.38
N SER A 325 18.24 -9.64 15.50
CA SER A 325 19.54 -10.28 15.26
C SER A 325 20.06 -10.14 13.83
N ASN A 326 19.19 -9.77 12.87
CA ASN A 326 19.61 -9.49 11.49
C ASN A 326 20.38 -8.18 11.45
N TYR A 327 20.20 -7.33 12.47
CA TYR A 327 20.87 -6.03 12.52
C TYR A 327 21.88 -5.89 13.63
N CYS A 328 21.59 -6.46 14.80
CA CYS A 328 22.41 -6.32 16.00
C CYS A 328 22.44 -7.60 16.80
N LYS A 329 23.65 -8.02 17.19
CA LYS A 329 23.91 -9.23 17.98
C LYS A 329 24.70 -8.86 19.24
N ASP A 330 24.90 -7.53 19.46
CA ASP A 330 25.67 -6.98 20.57
C ASP A 330 24.83 -6.94 21.86
N GLN A 331 25.00 -7.96 22.70
CA GLN A 331 24.22 -8.12 23.94
C GLN A 331 24.43 -7.05 24.98
N ASP A 332 25.67 -6.54 25.13
CA ASP A 332 25.97 -5.48 26.09
C ASP A 332 25.28 -4.21 25.66
N TYR A 333 25.27 -3.92 24.33
CA TYR A 333 24.58 -2.74 23.79
C TYR A 333 23.08 -2.88 24.01
N GLN A 334 22.52 -4.06 23.70
CA GLN A 334 21.09 -4.35 23.89
C GLN A 334 20.67 -4.25 25.36
N ILE A 335 21.53 -4.77 26.29
CA ILE A 335 21.28 -4.66 27.75
C ILE A 335 21.25 -3.19 28.13
N SER A 336 22.23 -2.37 27.65
CA SER A 336 22.29 -0.94 27.94
C SER A 336 21.02 -0.16 27.52
N ILE A 337 20.46 -0.42 26.31
CA ILE A 337 19.25 0.32 25.88
C ILE A 337 17.96 -0.24 26.54
N GLY A 338 17.88 -1.54 26.69
CA GLY A 338 16.74 -2.23 27.32
C GLY A 338 16.56 -1.95 28.79
N SER A 339 17.66 -1.82 29.56
CA SER A 339 17.60 -1.54 31.01
C SER A 339 17.16 -0.11 31.27
N LEU A 340 17.58 0.82 30.39
CA LEU A 340 17.14 2.23 30.47
C LEU A 340 15.65 2.33 30.13
N LYS A 341 15.17 1.53 29.16
CA LYS A 341 13.76 1.51 28.77
C LYS A 341 12.92 1.00 29.94
N LEU A 342 13.39 -0.08 30.60
CA LEU A 342 12.69 -0.61 31.78
C LEU A 342 12.68 0.46 32.90
N GLN A 343 13.83 1.14 33.13
CA GLN A 343 13.90 2.24 34.11
C GLN A 343 12.90 3.33 33.74
N PHE A 344 12.82 3.71 32.44
CA PHE A 344 11.88 4.73 31.95
C PHE A 344 10.42 4.32 32.23
N GLU A 345 10.07 3.05 32.01
CA GLU A 345 8.68 2.60 32.15
C GLU A 345 8.25 2.18 33.57
N SER A 346 9.11 1.48 34.32
CA SER A 346 8.78 0.94 35.64
C SER A 346 9.55 1.53 36.83
N SER A 347 10.46 2.51 36.59
CA SER A 347 11.31 3.14 37.61
C SER A 347 12.25 2.12 38.25
N ASP A 348 12.81 2.43 39.43
CA ASP A 348 13.81 1.63 40.13
C ASP A 348 13.52 0.14 40.24
N TYR A 349 14.60 -0.66 40.22
CA TYR A 349 14.55 -2.10 40.44
C TYR A 349 13.82 -2.43 41.75
N THR A 350 12.96 -3.47 41.72
CA THR A 350 12.31 -4.09 42.88
C THR A 350 12.38 -5.61 42.59
N ASP A 351 12.30 -6.46 43.63
CA ASP A 351 12.34 -7.92 43.46
C ASP A 351 11.09 -8.42 42.72
N GLU A 352 9.99 -7.66 42.83
CA GLU A 352 8.70 -7.91 42.16
C GLU A 352 8.84 -7.72 40.66
N ILE A 353 9.58 -6.66 40.23
CA ILE A 353 9.86 -6.40 38.80
C ILE A 353 10.72 -7.55 38.27
N ARG A 354 11.71 -7.98 39.07
CA ARG A 354 12.59 -9.10 38.76
C ARG A 354 11.82 -10.40 38.52
N ALA A 355 10.79 -10.71 39.36
CA ALA A 355 9.99 -11.94 39.23
C ALA A 355 9.09 -11.88 38.00
N TRP A 356 8.58 -10.69 37.69
CA TRP A 356 7.69 -10.39 36.56
C TRP A 356 8.41 -10.49 35.20
N LEU A 357 9.67 -10.02 35.11
CA LEU A 357 10.46 -9.95 33.86
C LEU A 357 10.56 -11.27 33.04
N PRO A 358 10.87 -12.47 33.60
CA PRO A 358 10.93 -13.67 32.73
C PRO A 358 9.61 -13.85 31.95
N GLY A 359 9.74 -14.11 30.65
CA GLY A 359 8.60 -14.22 29.77
C GLY A 359 8.07 -12.88 29.31
N ASN A 360 7.57 -12.06 30.26
CA ASN A 360 6.96 -10.73 30.02
C ASN A 360 7.87 -9.69 29.36
N GLY A 361 9.14 -9.66 29.73
CA GLY A 361 10.11 -8.69 29.22
C GLY A 361 10.74 -9.05 27.90
N ARG A 362 10.50 -10.29 27.41
CA ARG A 362 11.06 -10.80 26.14
C ARG A 362 10.61 -9.95 24.95
N GLY A 363 11.59 -9.47 24.16
CA GLY A 363 11.37 -8.61 23.01
C GLY A 363 10.95 -7.19 23.35
N LYS A 364 10.88 -6.87 24.64
CA LYS A 364 10.47 -5.59 25.19
C LYS A 364 11.65 -4.87 25.92
N TYR A 365 12.27 -5.53 26.90
CA TYR A 365 13.39 -4.96 27.64
C TYR A 365 14.66 -5.72 27.41
N PHE A 366 14.55 -6.92 26.82
CA PHE A 366 15.69 -7.79 26.53
C PHE A 366 15.33 -8.77 25.43
N THR A 367 16.34 -9.31 24.74
CA THR A 367 16.12 -10.29 23.67
C THR A 367 16.04 -11.69 24.27
N THR A 368 15.93 -12.71 23.36
CA THR A 368 15.88 -14.13 23.67
C THR A 368 17.24 -14.55 24.24
N ASP A 369 18.34 -14.19 23.55
CA ASP A 369 19.72 -14.43 23.97
C ASP A 369 20.01 -13.87 25.39
N ILE A 370 19.41 -12.68 25.74
CA ILE A 370 19.61 -12.01 27.04
C ILE A 370 18.92 -12.78 28.18
N GLU A 371 17.59 -13.05 28.06
CA GLU A 371 16.90 -13.82 29.09
C GLU A 371 17.59 -15.20 29.28
N LYS A 372 18.13 -15.75 28.16
CA LYS A 372 18.83 -17.02 28.05
C LYS A 372 20.16 -17.05 28.84
N ASN A 373 21.18 -16.27 28.40
CA ASN A 373 22.53 -16.25 28.94
C ASN A 373 22.95 -15.02 29.75
N ARG A 374 22.12 -13.95 29.84
CA ARG A 374 22.56 -12.71 30.50
C ARG A 374 21.54 -12.04 31.42
N PHE A 375 20.61 -12.80 32.02
CA PHE A 375 19.59 -12.20 32.88
C PHE A 375 20.17 -11.42 34.08
N ASP A 376 21.18 -11.96 34.78
CA ASP A 376 21.82 -11.28 35.92
C ASP A 376 22.58 -10.04 35.49
N ASP A 377 23.23 -10.08 34.31
CA ASP A 377 23.92 -8.93 33.71
C ASP A 377 22.89 -7.85 33.35
N PHE A 378 21.69 -8.25 32.88
CA PHE A 378 20.60 -7.31 32.59
C PHE A 378 20.16 -6.64 33.89
N ILE A 379 19.83 -7.45 34.91
CA ILE A 379 19.39 -7.00 36.24
C ILE A 379 20.42 -6.07 36.88
N ASN A 380 21.72 -6.45 36.81
CA ASN A 380 22.80 -5.63 37.36
C ASN A 380 22.86 -4.29 36.66
N LYS A 381 22.71 -4.27 35.33
CA LYS A 381 22.69 -3.00 34.59
C LYS A 381 21.47 -2.17 34.98
N TYR A 382 20.30 -2.80 35.07
CA TYR A 382 19.07 -2.14 35.48
C TYR A 382 19.17 -1.49 36.88
N LYS A 383 19.76 -2.20 37.88
CA LYS A 383 19.96 -1.66 39.26
C LYS A 383 20.81 -0.39 39.26
N SER A 384 21.83 -0.31 38.37
CA SER A 384 22.72 0.85 38.24
C SER A 384 21.97 2.12 37.80
N HIS A 385 20.70 1.99 37.31
CA HIS A 385 19.87 3.12 36.90
C HIS A 385 19.02 3.68 38.05
N LYS A 386 19.14 3.10 39.25
CA LYS A 386 18.40 3.57 40.44
C LYS A 386 18.51 5.09 40.67
N GLY A 387 17.38 5.74 40.83
CA GLY A 387 17.34 7.18 41.07
C GLY A 387 17.18 8.02 39.82
N LEU A 388 17.21 7.39 38.64
CA LEU A 388 16.99 8.13 37.39
C LEU A 388 15.51 8.34 37.22
N SER A 389 15.12 9.60 36.94
CA SER A 389 13.73 9.97 36.67
C SER A 389 13.32 9.37 35.29
N PRO A 390 12.01 9.35 34.90
CA PRO A 390 11.66 8.80 33.57
C PRO A 390 12.32 9.61 32.46
N GLU A 391 12.35 10.95 32.61
CA GLU A 391 12.94 11.90 31.68
C GLU A 391 14.43 11.65 31.42
N ASP A 392 15.20 11.43 32.50
CA ASP A 392 16.63 11.19 32.41
C ASP A 392 16.96 9.80 31.85
N ALA A 393 16.16 8.76 32.21
CA ALA A 393 16.39 7.42 31.66
C ALA A 393 16.10 7.42 30.13
N LYS A 394 15.04 8.14 29.70
CA LYS A 394 14.67 8.30 28.30
C LYS A 394 15.75 9.11 27.54
N LYS A 395 16.26 10.21 28.14
CA LYS A 395 17.34 11.02 27.55
C LYS A 395 18.58 10.14 27.26
N GLN A 396 19.00 9.35 28.24
CA GLN A 396 20.12 8.44 28.15
C GLN A 396 19.89 7.32 27.12
N MET A 397 18.66 6.79 27.06
N MET A 397 18.67 6.75 27.08
CA MET A 397 18.21 5.76 26.11
CA MET A 397 18.34 5.73 26.07
C MET A 397 18.34 6.30 24.68
C MET A 397 18.42 6.32 24.65
N VAL A 398 17.87 7.53 24.45
CA VAL A 398 17.87 8.23 23.14
C VAL A 398 19.32 8.50 22.66
N GLN A 399 20.22 8.90 23.59
N GLN A 399 20.23 8.94 23.56
CA GLN A 399 21.64 9.15 23.26
CA GLN A 399 21.62 9.19 23.16
C GLN A 399 22.29 7.86 22.81
C GLN A 399 22.34 7.87 22.82
N LEU A 400 22.00 6.74 23.49
CA LEU A 400 22.55 5.43 23.17
C LEU A 400 22.03 4.91 21.82
N LEU A 401 20.76 5.20 21.47
CA LEU A 401 20.15 4.80 20.19
C LEU A 401 20.81 5.61 19.07
N GLU A 402 20.94 6.95 19.28
CA GLU A 402 21.53 7.90 18.33
C GLU A 402 23.00 7.66 18.08
N LYS A 403 23.72 7.08 19.07
CA LYS A 403 25.14 6.80 18.89
C LYS A 403 25.39 5.48 18.15
N HIS A 404 24.36 4.64 17.97
CA HIS A 404 24.56 3.37 17.27
C HIS A 404 24.92 3.61 15.77
N PRO A 405 25.82 2.82 15.13
CA PRO A 405 26.13 3.06 13.70
C PRO A 405 24.91 2.97 12.76
N LEU A 406 23.82 2.27 13.17
CA LEU A 406 22.65 2.06 12.31
C LEU A 406 21.59 3.14 12.45
N ALA A 407 21.78 4.08 13.39
CA ALA A 407 20.86 5.19 13.61
C ALA A 407 20.87 6.08 12.37
N ASN A 408 19.70 6.60 12.00
CA ASN A 408 19.48 7.50 10.85
C ASN A 408 19.93 6.89 9.50
N CYS A 409 19.76 5.57 9.38
CA CYS A 409 20.06 4.77 8.17
C CYS A 409 18.80 4.03 7.78
N SER A 410 18.61 3.82 6.48
CA SER A 410 17.57 2.98 5.89
C SER A 410 18.22 1.59 5.80
N LEU A 411 17.63 0.61 6.48
CA LEU A 411 18.22 -0.72 6.67
C LEU A 411 17.74 -1.78 5.69
N VAL A 412 18.69 -2.50 5.05
CA VAL A 412 18.35 -3.56 4.09
C VAL A 412 19.20 -4.83 4.41
N VAL A 413 18.53 -5.96 4.67
CA VAL A 413 19.19 -7.25 4.94
C VAL A 413 19.55 -7.86 3.56
N CYS A 414 20.84 -8.14 3.35
CA CYS A 414 21.37 -8.65 2.10
C CYS A 414 22.27 -9.90 2.25
N GLU A 415 22.54 -10.55 1.11
CA GLU A 415 23.45 -11.70 0.99
C GLU A 415 24.24 -11.52 -0.29
N HIS A 416 25.46 -12.07 -0.35
CA HIS A 416 26.25 -12.08 -1.59
C HIS A 416 26.84 -13.47 -1.81
N GLN A 417 27.16 -13.80 -3.06
CA GLN A 417 27.72 -15.11 -3.43
C GLN A 417 29.15 -14.99 -3.95
N SER A 418 29.81 -13.85 -3.71
CA SER A 418 31.17 -13.65 -4.19
C SER A 418 32.19 -14.47 -3.41
N GLU A 419 33.06 -15.17 -4.14
CA GLU A 419 34.13 -15.98 -3.57
C GLU A 419 35.41 -15.16 -3.40
N SER A 420 35.40 -13.86 -3.80
CA SER A 420 36.56 -12.97 -3.68
C SER A 420 36.31 -11.66 -2.89
N LEU A 421 35.10 -11.08 -2.94
CA LEU A 421 34.81 -9.82 -2.25
C LEU A 421 35.04 -9.89 -0.72
N PRO A 422 35.66 -8.85 -0.12
CA PRO A 422 36.01 -8.90 1.34
C PRO A 422 34.88 -8.57 2.33
N TYR A 423 33.66 -9.09 2.08
CA TYR A 423 32.51 -8.85 2.94
C TYR A 423 31.94 -10.16 3.45
N PRO A 424 31.34 -10.19 4.67
CA PRO A 424 30.68 -11.42 5.11
C PRO A 424 29.53 -11.73 4.15
N LYS A 425 29.22 -13.03 3.95
CA LYS A 425 28.17 -13.45 3.02
C LYS A 425 26.80 -12.86 3.43
N ASN A 426 26.62 -12.61 4.73
CA ASN A 426 25.41 -12.02 5.30
C ASN A 426 25.76 -10.63 5.77
N PHE A 427 25.15 -9.63 5.16
CA PHE A 427 25.45 -8.25 5.51
C PHE A 427 24.20 -7.38 5.48
N VAL A 428 24.36 -6.14 5.93
CA VAL A 428 23.31 -5.14 5.96
C VAL A 428 23.78 -3.97 5.10
N LEU A 429 22.86 -3.43 4.27
CA LEU A 429 23.13 -2.20 3.56
C LEU A 429 22.44 -1.12 4.38
N ALA A 430 23.22 -0.17 4.94
CA ALA A 430 22.66 0.93 5.75
C ALA A 430 22.83 2.20 4.92
N LEU A 431 21.74 2.62 4.27
CA LEU A 431 21.71 3.75 3.36
C LEU A 431 21.36 5.06 4.09
N ASN A 432 22.19 6.06 3.92
CA ASN A 432 21.98 7.36 4.51
C ASN A 432 22.48 8.42 3.54
N VAL A 433 22.47 9.68 3.94
CA VAL A 433 22.86 10.78 3.05
C VAL A 433 24.36 10.75 2.68
N ASN A 434 25.17 9.98 3.41
CA ASN A 434 26.61 9.89 3.17
C ASN A 434 27.01 8.75 2.22
N GLY A 435 26.12 7.79 2.01
CA GLY A 435 26.41 6.69 1.10
C GLY A 435 25.66 5.42 1.41
N ILE A 436 25.98 4.38 0.63
CA ILE A 436 25.44 3.04 0.76
C ILE A 436 26.49 2.38 1.61
N ASN A 437 26.21 2.17 2.89
CA ASN A 437 27.17 1.61 3.80
C ASN A 437 27.01 0.11 3.93
N ILE A 438 28.12 -0.62 3.79
CA ILE A 438 28.16 -2.07 3.96
C ILE A 438 28.43 -2.29 5.44
N TYR A 439 27.52 -2.98 6.11
CA TYR A 439 27.58 -3.20 7.55
C TYR A 439 27.59 -4.67 7.93
N ASP A 440 28.43 -5.01 8.94
CA ASP A 440 28.54 -6.39 9.43
C ASP A 440 27.77 -6.51 10.75
N PRO A 441 26.53 -7.07 10.76
CA PRO A 441 25.80 -7.21 12.04
C PRO A 441 26.42 -8.21 13.01
N ALA A 442 27.34 -9.10 12.56
CA ALA A 442 28.01 -10.05 13.45
C ALA A 442 29.06 -9.39 14.36
N THR A 443 29.65 -8.27 13.91
CA THR A 443 30.71 -7.54 14.63
C THR A 443 30.33 -6.11 14.98
N SER A 444 29.16 -5.64 14.48
CA SER A 444 28.67 -4.27 14.70
C SER A 444 29.60 -3.23 14.06
N LYS A 445 30.13 -3.52 12.87
CA LYS A 445 31.04 -2.62 12.23
C LYS A 445 30.67 -2.22 10.84
N MET A 446 30.91 -0.94 10.53
CA MET A 446 30.77 -0.39 9.18
C MET A 446 32.01 -0.86 8.45
N LEU A 447 31.85 -1.34 7.23
CA LEU A 447 32.97 -1.85 6.43
C LEU A 447 33.37 -0.98 5.27
N GLU A 448 32.43 -0.26 4.66
CA GLU A 448 32.66 0.56 3.48
C GLU A 448 31.47 1.47 3.23
N SER A 449 31.75 2.68 2.73
CA SER A 449 30.76 3.67 2.35
C SER A 449 30.82 3.79 0.83
N VAL A 450 29.87 3.18 0.16
CA VAL A 450 29.77 3.17 -1.31
C VAL A 450 29.03 4.44 -1.76
N LYS A 451 29.63 5.17 -2.72
CA LYS A 451 29.11 6.41 -3.27
C LYS A 451 27.89 6.20 -4.19
N TYR A 452 26.85 7.04 -4.02
CA TYR A 452 25.64 7.06 -4.87
C TYR A 452 26.04 7.45 -6.30
N SER A 453 27.08 8.31 -6.45
CA SER A 453 27.62 8.79 -7.73
C SER A 453 28.18 7.68 -8.63
N ASN A 454 28.71 6.59 -8.02
CA ASN A 454 29.23 5.40 -8.75
C ASN A 454 28.10 4.56 -9.36
N GLN A 455 26.85 4.78 -8.93
CA GLN A 455 25.71 3.99 -9.37
C GLN A 455 25.14 4.51 -10.67
N SER A 456 24.79 3.57 -11.58
CA SER A 456 24.28 3.83 -12.94
C SER A 456 22.99 4.63 -12.94
N SER A 467 17.95 -9.41 -6.88
CA SER A 467 19.30 -8.85 -6.69
C SER A 467 19.45 -7.40 -7.19
N VAL A 468 20.44 -6.66 -6.64
CA VAL A 468 20.82 -5.29 -7.05
C VAL A 468 22.35 -5.28 -7.22
N SER A 469 22.82 -4.77 -8.36
CA SER A 469 24.26 -4.67 -8.61
C SER A 469 24.75 -3.31 -8.15
N ILE A 470 25.68 -3.31 -7.18
CA ILE A 470 26.24 -2.11 -6.60
C ILE A 470 27.70 -1.97 -7.05
N ILE A 471 28.06 -0.79 -7.59
CA ILE A 471 29.41 -0.51 -8.03
C ILE A 471 30.20 -0.01 -6.83
N LEU A 472 31.30 -0.71 -6.52
CA LEU A 472 32.17 -0.39 -5.38
C LEU A 472 33.23 0.67 -5.75
N GLU A 473 33.96 1.21 -4.77
CA GLU A 473 35.00 2.22 -5.05
C GLU A 473 36.06 1.70 -6.03
N ASN A 474 36.50 0.45 -5.84
CA ASN A 474 37.49 -0.19 -6.70
C ASN A 474 36.91 -0.54 -8.08
N LYS A 475 35.70 0.00 -8.40
CA LYS A 475 34.96 -0.15 -9.66
C LYS A 475 34.41 -1.57 -9.89
N SER A 476 34.68 -2.52 -8.97
CA SER A 476 34.13 -3.87 -9.10
C SER A 476 32.63 -3.88 -8.71
N THR A 477 31.94 -4.98 -8.95
CA THR A 477 30.51 -5.06 -8.68
C THR A 477 30.20 -6.00 -7.55
N LEU A 478 29.35 -5.55 -6.61
CA LEU A 478 28.81 -6.41 -5.57
C LEU A 478 27.34 -6.73 -5.98
N GLN A 479 27.02 -8.00 -6.17
CA GLN A 479 25.65 -8.40 -6.51
C GLN A 479 24.96 -8.74 -5.22
N ALA A 480 24.15 -7.79 -4.70
CA ALA A 480 23.46 -7.93 -3.43
C ALA A 480 22.08 -8.56 -3.60
N PHE A 481 21.86 -9.68 -2.92
CA PHE A 481 20.59 -10.40 -2.95
C PHE A 481 19.82 -10.02 -1.71
N THR A 482 18.53 -9.75 -1.88
CA THR A 482 17.66 -9.34 -0.78
C THR A 482 16.24 -9.82 -1.05
N GLY A 483 15.44 -9.97 0.00
CA GLY A 483 14.04 -10.38 -0.14
C GLY A 483 13.14 -9.26 -0.64
N ASP A 484 13.62 -8.01 -0.62
CA ASP A 484 12.87 -6.84 -1.05
C ASP A 484 13.72 -5.88 -1.90
N VAL A 485 13.89 -6.25 -3.18
CA VAL A 485 14.65 -5.51 -4.19
C VAL A 485 14.04 -4.12 -4.42
N GLN A 486 12.70 -4.03 -4.48
CA GLN A 486 11.98 -2.77 -4.67
C GLN A 486 12.40 -1.73 -3.62
N LYS A 487 12.51 -2.15 -2.34
CA LYS A 487 12.93 -1.28 -1.23
C LYS A 487 14.35 -0.77 -1.49
N LEU A 488 15.31 -1.66 -1.77
CA LEU A 488 16.69 -1.28 -2.04
C LEU A 488 16.80 -0.34 -3.23
N VAL A 489 16.13 -0.67 -4.33
CA VAL A 489 16.13 0.15 -5.55
C VAL A 489 15.55 1.53 -5.23
N SER A 490 14.38 1.60 -4.54
CA SER A 490 13.78 2.91 -4.25
C SER A 490 14.65 3.75 -3.30
N LEU A 491 15.35 3.08 -2.35
CA LEU A 491 16.23 3.81 -1.42
C LEU A 491 17.39 4.45 -2.19
N ILE A 492 18.01 3.70 -3.13
CA ILE A 492 19.10 4.23 -3.95
C ILE A 492 18.62 5.42 -4.77
N LYS A 493 17.44 5.32 -5.39
CA LYS A 493 16.86 6.39 -6.21
C LYS A 493 16.48 7.62 -5.38
N GLU A 494 15.80 7.43 -4.21
CA GLU A 494 15.38 8.54 -3.35
C GLU A 494 16.56 9.32 -2.76
N TYR A 495 17.59 8.64 -2.26
CA TYR A 495 18.78 9.34 -1.74
C TYR A 495 19.55 10.05 -2.87
N SER A 496 19.62 9.43 -4.08
CA SER A 496 20.28 10.08 -5.23
C SER A 496 19.56 11.38 -5.66
N LEU A 497 18.20 11.35 -5.65
CA LEU A 497 17.35 12.49 -5.98
C LEU A 497 17.52 13.59 -4.95
N TYR A 498 17.51 13.22 -3.67
CA TYR A 498 17.73 14.16 -2.59
C TYR A 498 19.11 14.86 -2.74
N LEU A 499 20.17 14.10 -3.07
CA LEU A 499 21.51 14.65 -3.26
C LEU A 499 21.59 15.58 -4.47
N ARG A 500 20.84 15.25 -5.56
CA ARG A 500 20.70 16.07 -6.77
C ARG A 500 20.01 17.40 -6.40
N ASN A 501 18.90 17.34 -5.62
CA ASN A 501 18.17 18.54 -5.19
C ASN A 501 19.01 19.46 -4.31
N ASN A 502 19.83 18.89 -3.43
CA ASN A 502 20.72 19.68 -2.58
C ASN A 502 21.81 20.35 -3.40
N ALA A 503 22.32 19.67 -4.47
CA ALA A 503 23.35 20.25 -5.35
C ALA A 503 22.75 21.43 -6.17
N LEU A 504 21.47 21.34 -6.52
CA LEU A 504 20.75 22.38 -7.24
C LEU A 504 20.57 23.62 -6.34
N GLU A 505 20.20 23.41 -5.07
CA GLU A 505 20.04 24.49 -4.08
C GLU A 505 21.36 25.18 -3.74
N HIS A 506 22.48 24.41 -3.66
CA HIS A 506 23.83 24.91 -3.38
C HIS A 506 24.35 25.79 -4.54
N HIS A 507 23.99 25.47 -5.80
CA HIS A 507 24.39 26.27 -6.96
C HIS A 507 23.60 27.60 -6.97
N HIS A 508 24.33 28.71 -7.15
CA HIS A 508 23.73 30.04 -7.26
C HIS A 508 23.51 30.37 -8.74
N HIS A 509 22.91 32.35 -12.08
CA HIS A 509 23.37 33.63 -12.63
C HIS A 509 22.83 33.89 -14.04
#